data_5H17
#
_entry.id   5H17
#
_cell.length_a   50.560
_cell.length_b   92.280
_cell.length_c   180.480
_cell.angle_alpha   90.000
_cell.angle_beta   90.000
_cell.angle_gamma   90.000
#
_symmetry.space_group_name_H-M   'C 2 2 21'
#
loop_
_entity.id
_entity.type
_entity.pdbx_description
1 polymer 'Polycomb protein EED'
2 polymer 'Histone-lysine N-methyltransferase EZH2'
3 non-polymer (3R,4aS,10aS)-6-methoxy-3-[(3-methoxyphenyl)methyl]-1-methyl-3,4,4a,5,10,10a-hexahydro-2H-benzo[g]quinoline
4 water water
#
loop_
_entity_poly.entity_id
_entity_poly.type
_entity_poly.pdbx_seq_one_letter_code
_entity_poly.pdbx_strand_id
1 'polypeptide(L)'
;GKKCKYSFKCVNSLKEDHNQPLFGVQFNWHSKEGDPLVFATVGSNRVTLYECHSQGEIRLLQSYVDADADENFYTCAWTY
DSNTSHPLLAVAGSRGIIRIINPITMQCIKHYVGHGNAINELKFHPRDPNLLLSVSKDHALRLWNIQTDTLVAIFGGVEG
HRDEVLSADYDLLGEKIMSCGMDHSLKLWRINSKRMMNAIKESYDYNPNKTNRPFISQKIHFPDFSTRDIHRNYVDCVRW
LGDLILSKSCENAIVCWKPGKMEDDIDKIKPSESNVTILGRFDYSQCDIWYMRFSMDFWQKMLALGNQVGKLYVWDLEVE
DPHKAKCTTLTHHKCGAAIRQTSFSRDSSILIAVCDDASIWRWDRLR
;
A
2 'polypeptide(L)' SMFSSNRQKILERTEILNQEWKQRRIQPV B
#
# COMPACT_ATOMS: atom_id res chain seq x y z
N LYS A 3 22.68 8.12 -12.54
CA LYS A 3 22.75 8.78 -11.23
C LYS A 3 21.42 9.49 -10.88
N CYS A 4 21.08 9.55 -9.58
CA CYS A 4 19.86 10.20 -9.13
C CYS A 4 19.96 11.73 -9.05
N LYS A 5 18.87 12.41 -9.46
CA LYS A 5 18.71 13.86 -9.53
C LYS A 5 17.72 14.50 -8.53
N TYR A 6 16.81 13.68 -7.94
CA TYR A 6 15.76 14.15 -7.02
C TYR A 6 16.28 14.78 -5.75
N SER A 7 15.77 16.00 -5.43
CA SER A 7 16.12 16.80 -4.23
C SER A 7 14.87 17.29 -3.53
N PHE A 8 14.90 17.29 -2.20
CA PHE A 8 13.74 17.71 -1.41
C PHE A 8 14.15 18.64 -0.35
N LYS A 9 13.21 19.46 0.09
CA LYS A 9 13.43 20.40 1.16
C LYS A 9 12.34 20.18 2.25
N CYS A 10 12.74 20.08 3.53
CA CYS A 10 11.75 19.94 4.61
C CYS A 10 11.17 21.32 4.84
N VAL A 11 9.86 21.48 4.64
CA VAL A 11 9.22 22.79 4.71
C VAL A 11 8.36 22.97 5.95
N ASN A 12 7.93 21.88 6.61
CA ASN A 12 7.05 21.95 7.77
C ASN A 12 6.95 20.61 8.51
N SER A 13 6.45 20.65 9.74
CA SER A 13 6.21 19.49 10.58
C SER A 13 5.20 19.84 11.65
N LEU A 14 4.58 18.81 12.24
CA LEU A 14 3.62 18.97 13.34
C LEU A 14 3.58 17.69 14.13
N LYS A 15 2.89 17.72 15.25
CA LYS A 15 2.73 16.56 16.11
C LYS A 15 1.25 16.46 16.51
N GLU A 16 0.68 15.25 16.46
CA GLU A 16 -0.72 15.02 16.86
C GLU A 16 -0.75 14.85 18.39
N ASP A 17 -1.76 15.46 19.04
CA ASP A 17 -1.93 15.52 20.51
C ASP A 17 -2.06 14.17 21.23
N HIS A 18 -2.39 13.07 20.51
CA HIS A 18 -2.51 11.73 21.12
C HIS A 18 -1.16 11.13 21.53
N ASN A 19 -0.06 11.64 20.93
CA ASN A 19 1.32 11.24 21.16
C ASN A 19 1.60 9.74 20.90
N GLN A 20 0.67 9.05 20.23
CA GLN A 20 0.81 7.62 19.92
C GLN A 20 1.40 7.40 18.51
N PRO A 21 2.04 6.24 18.22
CA PRO A 21 2.57 6.03 16.87
C PRO A 21 1.55 6.13 15.73
N LEU A 22 1.98 6.74 14.61
CA LEU A 22 1.18 6.84 13.42
C LEU A 22 1.70 5.71 12.53
N PHE A 23 0.81 4.79 12.18
CA PHE A 23 1.19 3.62 11.38
C PHE A 23 0.93 3.75 9.91
N GLY A 24 0.10 4.72 9.53
CA GLY A 24 -0.28 4.89 8.14
C GLY A 24 -0.50 6.30 7.67
N VAL A 25 -0.14 6.54 6.41
CA VAL A 25 -0.30 7.80 5.72
C VAL A 25 -0.59 7.55 4.27
N GLN A 26 -1.63 8.24 3.74
CA GLN A 26 -2.01 8.11 2.32
C GLN A 26 -2.54 9.40 1.78
N PHE A 27 -1.95 9.87 0.69
CA PHE A 27 -2.49 10.98 -0.09
C PHE A 27 -3.66 10.40 -0.92
N ASN A 28 -4.63 11.26 -1.27
CA ASN A 28 -5.73 10.87 -2.14
C ASN A 28 -5.29 11.05 -3.59
N TRP A 29 -5.04 9.93 -4.28
CA TRP A 29 -4.62 9.93 -5.69
C TRP A 29 -5.83 10.02 -6.65
N HIS A 30 -7.06 10.08 -6.11
CA HIS A 30 -8.30 10.15 -6.90
C HIS A 30 -8.76 11.57 -7.18
N SER A 31 -8.42 12.52 -6.27
CA SER A 31 -8.77 13.93 -6.43
C SER A 31 -8.24 14.37 -7.77
N LYS A 32 -9.01 15.15 -8.53
CA LYS A 32 -8.58 15.50 -9.89
C LYS A 32 -7.53 16.63 -9.89
N GLU A 33 -6.84 16.79 -11.04
CA GLU A 33 -5.83 17.82 -11.22
C GLU A 33 -6.43 19.18 -10.84
N GLY A 34 -5.69 19.93 -10.02
CA GLY A 34 -6.10 21.25 -9.56
C GLY A 34 -6.84 21.25 -8.23
N ASP A 35 -7.49 20.13 -7.86
CA ASP A 35 -8.21 20.00 -6.59
C ASP A 35 -7.21 20.05 -5.42
N PRO A 36 -7.64 20.39 -4.18
CA PRO A 36 -6.68 20.42 -3.05
C PRO A 36 -6.00 19.08 -2.74
N LEU A 37 -4.67 19.10 -2.49
CA LEU A 37 -3.87 17.91 -2.16
C LEU A 37 -4.14 17.50 -0.72
N VAL A 38 -4.82 16.36 -0.54
CA VAL A 38 -5.28 15.88 0.76
C VAL A 38 -4.63 14.53 1.16
N PHE A 39 -4.20 14.40 2.41
CA PHE A 39 -3.68 13.15 2.94
C PHE A 39 -4.35 12.82 4.28
N ALA A 40 -4.44 11.53 4.57
CA ALA A 40 -4.99 11.00 5.81
C ALA A 40 -3.84 10.33 6.57
N THR A 41 -3.87 10.40 7.90
CA THR A 41 -2.94 9.72 8.81
C THR A 41 -3.78 8.85 9.73
N VAL A 42 -3.20 7.73 10.15
CA VAL A 42 -3.86 6.80 11.06
C VAL A 42 -2.90 6.38 12.13
N GLY A 43 -3.43 6.23 13.32
CA GLY A 43 -2.72 5.83 14.52
C GLY A 43 -3.65 6.01 15.71
N SER A 44 -3.43 5.23 16.79
CA SER A 44 -4.28 5.18 17.98
C SER A 44 -5.72 4.91 17.52
N ASN A 45 -6.72 5.60 18.09
CA ASN A 45 -8.11 5.45 17.68
C ASN A 45 -8.49 6.65 16.79
N ARG A 46 -7.49 7.31 16.17
CA ARG A 46 -7.75 8.48 15.32
C ARG A 46 -7.45 8.30 13.85
N VAL A 47 -8.25 9.00 13.03
CA VAL A 47 -8.10 9.13 11.57
C VAL A 47 -8.11 10.63 11.34
N THR A 48 -7.04 11.20 10.77
CA THR A 48 -7.00 12.64 10.57
C THR A 48 -6.69 13.03 9.13
N LEU A 49 -7.38 14.08 8.64
CA LEU A 49 -7.26 14.66 7.30
C LEU A 49 -6.58 16.02 7.31
N TYR A 50 -5.70 16.22 6.32
CA TYR A 50 -4.90 17.43 6.14
C TYR A 50 -4.85 17.81 4.69
N GLU A 51 -4.80 19.11 4.43
CA GLU A 51 -4.68 19.70 3.12
C GLU A 51 -3.30 20.36 3.02
N CYS A 52 -2.63 20.15 1.90
CA CYS A 52 -1.32 20.72 1.65
C CYS A 52 -1.49 22.01 0.87
N HIS A 53 -1.01 23.12 1.44
CA HIS A 53 -1.08 24.41 0.78
C HIS A 53 0.32 24.93 0.44
N SER A 54 0.40 26.10 -0.21
CA SER A 54 1.66 26.73 -0.63
C SER A 54 2.51 27.10 0.60
N GLN A 55 3.85 27.25 0.39
CA GLN A 55 4.84 27.58 1.43
C GLN A 55 4.82 26.60 2.62
N GLY A 56 4.65 25.32 2.28
CA GLY A 56 4.62 24.20 3.21
C GLY A 56 3.51 24.19 4.24
N GLU A 57 2.47 24.98 4.05
CA GLU A 57 1.35 25.00 4.99
C GLU A 57 0.63 23.63 5.03
N ILE A 58 0.41 23.10 6.26
CA ILE A 58 -0.33 21.84 6.46
C ILE A 58 -1.58 22.22 7.25
N ARG A 59 -2.73 22.29 6.54
CA ARG A 59 -4.03 22.68 7.07
C ARG A 59 -4.83 21.45 7.56
N LEU A 60 -5.10 21.38 8.86
CA LEU A 60 -5.93 20.37 9.49
C LEU A 60 -7.36 20.55 8.98
N LEU A 61 -7.98 19.48 8.42
CA LEU A 61 -9.35 19.62 7.91
C LEU A 61 -10.33 19.19 8.98
N GLN A 62 -10.25 17.91 9.40
CA GLN A 62 -11.09 17.28 10.42
C GLN A 62 -10.41 16.02 10.95
N SER A 63 -10.96 15.46 12.04
CA SER A 63 -10.47 14.21 12.63
C SER A 63 -11.64 13.31 13.05
N TYR A 64 -11.46 11.99 12.89
CA TYR A 64 -12.41 10.97 13.32
C TYR A 64 -11.81 10.34 14.55
N VAL A 65 -12.55 10.38 15.65
CA VAL A 65 -12.13 9.75 16.90
C VAL A 65 -13.07 8.58 17.10
N ASP A 66 -12.53 7.36 17.13
CA ASP A 66 -13.34 6.16 17.31
C ASP A 66 -13.88 6.11 18.75
N ALA A 67 -15.17 5.70 18.90
CA ALA A 67 -15.87 5.57 20.18
C ALA A 67 -15.17 4.54 21.08
N ASP A 68 -14.55 3.52 20.45
CA ASP A 68 -13.78 2.48 21.13
C ASP A 68 -12.38 3.07 21.35
N ALA A 69 -12.08 3.41 22.60
CA ALA A 69 -10.77 3.98 22.96
C ALA A 69 -9.62 2.99 22.77
N ASP A 70 -9.93 1.67 22.85
CA ASP A 70 -8.98 0.56 22.73
C ASP A 70 -8.61 0.19 21.28
N GLU A 71 -9.28 0.82 20.29
CA GLU A 71 -9.04 0.60 18.87
C GLU A 71 -7.70 1.22 18.46
N ASN A 72 -6.88 0.47 17.68
CA ASN A 72 -5.61 0.98 17.12
C ASN A 72 -5.56 0.79 15.60
N PHE A 73 -5.84 1.86 14.84
CA PHE A 73 -5.81 1.82 13.37
C PHE A 73 -4.40 1.63 12.84
N TYR A 74 -4.25 0.72 11.87
CA TYR A 74 -2.94 0.38 11.28
C TYR A 74 -2.79 0.80 9.86
N THR A 75 -3.92 1.05 9.15
CA THR A 75 -3.93 1.27 7.70
C THR A 75 -5.14 2.08 7.21
N CYS A 76 -4.99 2.71 6.05
CA CYS A 76 -6.04 3.44 5.36
C CYS A 76 -5.85 3.37 3.87
N ALA A 77 -6.93 3.49 3.13
CA ALA A 77 -6.89 3.45 1.67
C ALA A 77 -8.04 4.28 1.12
N TRP A 78 -7.77 5.00 0.04
CA TRP A 78 -8.72 5.87 -0.62
C TRP A 78 -9.39 5.20 -1.81
N THR A 79 -10.66 5.54 -2.01
CA THR A 79 -11.48 5.19 -3.16
C THR A 79 -12.47 6.32 -3.43
N TYR A 80 -13.36 6.12 -4.41
CA TYR A 80 -14.42 7.04 -4.72
C TYR A 80 -15.73 6.27 -4.83
N ASP A 81 -16.87 6.97 -4.62
CA ASP A 81 -18.20 6.39 -4.80
C ASP A 81 -18.43 6.41 -6.29
N SER A 82 -18.62 5.24 -6.93
CA SER A 82 -18.85 5.14 -8.38
C SER A 82 -20.14 5.89 -8.87
N ASN A 83 -21.08 6.15 -7.94
CA ASN A 83 -22.35 6.83 -8.23
C ASN A 83 -22.32 8.33 -7.95
N THR A 84 -21.91 8.74 -6.72
CA THR A 84 -21.85 10.15 -6.31
C THR A 84 -20.56 10.84 -6.83
N SER A 85 -19.50 10.05 -7.10
CA SER A 85 -18.15 10.45 -7.54
C SER A 85 -17.28 11.05 -6.39
N HIS A 86 -17.86 11.22 -5.19
CA HIS A 86 -17.18 11.79 -4.03
C HIS A 86 -16.19 10.83 -3.38
N PRO A 87 -15.09 11.36 -2.79
CA PRO A 87 -14.10 10.46 -2.18
C PRO A 87 -14.62 9.68 -1.00
N LEU A 88 -14.03 8.51 -0.77
CA LEU A 88 -14.30 7.65 0.36
C LEU A 88 -12.97 7.19 0.92
N LEU A 89 -12.91 6.96 2.23
CA LEU A 89 -11.70 6.53 2.90
C LEU A 89 -11.98 5.30 3.75
N ALA A 90 -11.21 4.23 3.54
CA ALA A 90 -11.35 2.99 4.33
C ALA A 90 -10.23 2.96 5.35
N VAL A 91 -10.54 2.52 6.57
CA VAL A 91 -9.61 2.47 7.70
C VAL A 91 -9.89 1.15 8.49
N ALA A 92 -8.86 0.59 9.17
CA ALA A 92 -8.94 -0.63 9.97
C ALA A 92 -7.65 -0.86 10.73
N GLY A 93 -7.73 -1.70 11.76
CA GLY A 93 -6.60 -2.04 12.63
C GLY A 93 -6.89 -3.17 13.59
N SER A 94 -6.36 -3.08 14.83
CA SER A 94 -6.42 -4.08 15.91
C SER A 94 -7.81 -4.76 16.13
N ARG A 95 -8.91 -3.98 16.09
CA ARG A 95 -10.28 -4.49 16.30
C ARG A 95 -10.84 -5.34 15.13
N GLY A 96 -10.15 -5.34 13.99
CA GLY A 96 -10.58 -6.12 12.83
C GLY A 96 -11.84 -5.62 12.14
N ILE A 97 -12.23 -4.35 12.40
CA ILE A 97 -13.41 -3.75 11.77
C ILE A 97 -12.98 -2.77 10.66
N ILE A 98 -13.52 -2.95 9.45
CA ILE A 98 -13.28 -2.05 8.32
C ILE A 98 -14.32 -0.92 8.41
N ARG A 99 -13.85 0.33 8.47
CA ARG A 99 -14.75 1.49 8.50
C ARG A 99 -14.59 2.29 7.23
N ILE A 100 -15.73 2.61 6.59
CA ILE A 100 -15.80 3.45 5.40
C ILE A 100 -16.24 4.84 5.86
N ILE A 101 -15.28 5.76 5.91
CA ILE A 101 -15.49 7.13 6.35
C ILE A 101 -15.82 8.00 5.13
N ASN A 102 -16.82 8.89 5.27
CA ASN A 102 -17.09 9.89 4.26
C ASN A 102 -16.17 11.08 4.69
N PRO A 103 -15.11 11.44 3.90
CA PRO A 103 -14.17 12.50 4.33
C PRO A 103 -14.75 13.92 4.49
N ILE A 104 -15.89 14.23 3.82
CA ILE A 104 -16.54 15.56 3.89
C ILE A 104 -17.02 15.86 5.32
N THR A 105 -17.61 14.84 5.98
CA THR A 105 -18.12 14.96 7.35
C THR A 105 -17.30 14.20 8.38
N MET A 106 -16.33 13.36 7.92
CA MET A 106 -15.44 12.51 8.73
C MET A 106 -16.23 11.59 9.66
N GLN A 107 -17.27 10.95 9.09
CA GLN A 107 -18.13 10.04 9.82
C GLN A 107 -18.19 8.68 9.14
N CYS A 108 -18.28 7.60 9.97
CA CYS A 108 -18.41 6.22 9.53
C CYS A 108 -19.80 6.05 8.95
N ILE A 109 -19.88 5.76 7.64
CA ILE A 109 -21.14 5.62 6.91
C ILE A 109 -21.58 4.15 6.72
N LYS A 110 -20.67 3.18 7.01
CA LYS A 110 -20.85 1.72 6.96
C LYS A 110 -19.62 0.98 7.45
N HIS A 111 -19.82 -0.16 8.11
CA HIS A 111 -18.71 -0.92 8.65
C HIS A 111 -18.85 -2.43 8.38
N TYR A 112 -17.70 -3.12 8.31
CA TYR A 112 -17.63 -4.55 8.06
C TYR A 112 -16.92 -5.26 9.19
N VAL A 113 -17.60 -6.26 9.76
CA VAL A 113 -17.11 -7.13 10.84
C VAL A 113 -16.91 -8.52 10.15
N GLY A 114 -16.37 -9.50 10.87
CA GLY A 114 -16.15 -10.83 10.34
C GLY A 114 -14.73 -11.32 10.46
N HIS A 115 -13.75 -10.47 10.02
CA HIS A 115 -12.31 -10.77 10.09
C HIS A 115 -11.95 -11.23 11.51
N GLY A 116 -11.44 -12.46 11.61
CA GLY A 116 -11.12 -13.15 12.86
C GLY A 116 -10.27 -12.40 13.87
N ASN A 117 -9.59 -11.33 13.42
CA ASN A 117 -8.68 -10.51 14.22
C ASN A 117 -8.28 -9.22 13.49
N ALA A 118 -7.23 -8.56 14.00
CA ALA A 118 -6.59 -7.33 13.51
C ALA A 118 -6.39 -7.32 12.00
N ILE A 119 -6.63 -6.17 11.38
CA ILE A 119 -6.43 -5.96 9.95
C ILE A 119 -5.18 -5.12 9.82
N ASN A 120 -4.15 -5.66 9.12
CA ASN A 120 -2.84 -5.03 8.97
C ASN A 120 -2.71 -4.10 7.76
N GLU A 121 -3.47 -4.36 6.69
CA GLU A 121 -3.39 -3.52 5.49
C GLU A 121 -4.66 -3.60 4.66
N LEU A 122 -4.99 -2.44 4.03
CA LEU A 122 -6.12 -2.27 3.11
C LEU A 122 -5.59 -1.75 1.77
N LYS A 123 -6.15 -2.26 0.67
CA LYS A 123 -5.84 -1.85 -0.69
C LYS A 123 -7.09 -1.86 -1.55
N PHE A 124 -7.30 -0.77 -2.32
CA PHE A 124 -8.38 -0.71 -3.30
C PHE A 124 -7.84 -1.21 -4.61
N HIS A 125 -8.68 -1.90 -5.39
CA HIS A 125 -8.38 -2.43 -6.73
C HIS A 125 -8.06 -1.22 -7.63
N PRO A 126 -7.06 -1.28 -8.55
CA PRO A 126 -6.72 -0.07 -9.32
C PRO A 126 -7.72 0.36 -10.40
N ARG A 127 -8.64 -0.54 -10.81
CA ARG A 127 -9.63 -0.28 -11.86
C ARG A 127 -11.05 -0.20 -11.27
N ASP A 128 -11.38 -1.12 -10.34
CA ASP A 128 -12.70 -1.13 -9.72
C ASP A 128 -12.68 -0.51 -8.33
N PRO A 129 -13.31 0.69 -8.17
CA PRO A 129 -13.32 1.37 -6.85
C PRO A 129 -14.10 0.65 -5.75
N ASN A 130 -14.88 -0.36 -6.12
CA ASN A 130 -15.69 -1.10 -5.15
C ASN A 130 -14.95 -2.30 -4.55
N LEU A 131 -13.84 -2.72 -5.18
CA LEU A 131 -13.11 -3.91 -4.72
C LEU A 131 -11.99 -3.60 -3.74
N LEU A 132 -12.26 -3.81 -2.45
CA LEU A 132 -11.38 -3.60 -1.31
C LEU A 132 -10.74 -4.92 -0.80
N LEU A 133 -9.40 -4.95 -0.70
CA LEU A 133 -8.61 -6.08 -0.20
C LEU A 133 -8.15 -5.78 1.20
N SER A 134 -8.38 -6.73 2.12
CA SER A 134 -7.94 -6.64 3.51
C SER A 134 -7.11 -7.85 3.89
N VAL A 135 -6.02 -7.60 4.63
CA VAL A 135 -5.08 -8.63 5.08
C VAL A 135 -5.07 -8.66 6.60
N SER A 136 -5.18 -9.86 7.17
CA SER A 136 -5.42 -10.03 8.59
C SER A 136 -4.44 -10.93 9.35
N LYS A 137 -4.52 -10.80 10.67
CA LYS A 137 -3.80 -11.56 11.70
C LYS A 137 -4.27 -13.05 11.71
N ASP A 138 -5.48 -13.34 11.18
CA ASP A 138 -6.09 -14.67 11.13
C ASP A 138 -5.52 -15.59 10.02
N HIS A 139 -4.51 -15.10 9.27
CA HIS A 139 -3.74 -15.78 8.22
C HIS A 139 -4.39 -15.63 6.85
N ALA A 140 -5.52 -14.93 6.77
CA ALA A 140 -6.25 -14.80 5.51
C ALA A 140 -6.28 -13.39 4.91
N LEU A 141 -6.56 -13.34 3.59
CA LEU A 141 -6.82 -12.13 2.81
C LEU A 141 -8.29 -12.21 2.46
N ARG A 142 -8.98 -11.06 2.42
CA ARG A 142 -10.40 -11.01 2.05
C ARG A 142 -10.62 -9.97 1.00
N LEU A 143 -11.37 -10.33 -0.06
CA LEU A 143 -11.74 -9.42 -1.11
C LEU A 143 -13.21 -9.03 -0.88
N TRP A 144 -13.49 -7.72 -0.78
CA TRP A 144 -14.84 -7.20 -0.54
C TRP A 144 -15.33 -6.39 -1.72
N ASN A 145 -16.66 -6.32 -1.88
CA ASN A 145 -17.34 -5.47 -2.85
C ASN A 145 -18.09 -4.49 -1.96
N ILE A 146 -17.61 -3.23 -1.88
CA ILE A 146 -18.28 -2.25 -1.01
C ILE A 146 -19.57 -1.66 -1.66
N GLN A 147 -19.90 -2.02 -2.92
CA GLN A 147 -21.13 -1.56 -3.54
C GLN A 147 -22.32 -2.41 -3.09
N THR A 148 -22.16 -3.75 -3.10
CA THR A 148 -23.19 -4.70 -2.71
C THR A 148 -23.01 -5.27 -1.29
N ASP A 149 -21.97 -4.79 -0.55
CA ASP A 149 -21.61 -5.21 0.82
C ASP A 149 -21.43 -6.74 0.95
N THR A 150 -20.77 -7.32 -0.04
CA THR A 150 -20.52 -8.76 -0.13
C THR A 150 -19.04 -9.11 0.05
N LEU A 151 -18.77 -10.27 0.67
CA LEU A 151 -17.42 -10.81 0.81
C LEU A 151 -17.23 -11.71 -0.43
N VAL A 152 -16.57 -11.16 -1.46
CA VAL A 152 -16.30 -11.87 -2.73
C VAL A 152 -15.47 -13.16 -2.53
N ALA A 153 -14.37 -13.09 -1.72
CA ALA A 153 -13.46 -14.23 -1.57
C ALA A 153 -12.58 -14.16 -0.32
N ILE A 154 -12.21 -15.32 0.20
CA ILE A 154 -11.29 -15.49 1.31
C ILE A 154 -10.11 -16.30 0.75
N PHE A 155 -8.90 -15.73 0.82
CA PHE A 155 -7.67 -16.34 0.30
C PHE A 155 -6.85 -16.81 1.49
N GLY A 156 -6.94 -18.10 1.74
CA GLY A 156 -6.26 -18.78 2.84
C GLY A 156 -6.77 -20.19 3.00
N GLY A 157 -6.23 -20.89 3.98
CA GLY A 157 -6.60 -22.28 4.22
C GLY A 157 -5.45 -23.22 3.97
N VAL A 158 -5.72 -24.37 3.32
CA VAL A 158 -4.78 -25.49 3.12
C VAL A 158 -3.38 -25.01 2.72
N GLU A 159 -3.27 -24.25 1.64
CA GLU A 159 -1.98 -23.73 1.22
C GLU A 159 -1.88 -22.19 1.41
N GLY A 160 -2.70 -21.65 2.32
CA GLY A 160 -2.70 -20.22 2.67
C GLY A 160 -1.57 -19.87 3.61
N HIS A 161 -1.52 -18.60 4.10
CA HIS A 161 -0.44 -18.18 5.03
C HIS A 161 -0.58 -18.93 6.35
N ARG A 162 0.55 -19.16 7.04
CA ARG A 162 0.60 -19.89 8.29
C ARG A 162 0.71 -19.00 9.53
N ASP A 163 1.00 -17.72 9.30
CA ASP A 163 1.04 -16.70 10.34
C ASP A 163 0.38 -15.40 9.76
N GLU A 164 0.34 -14.31 10.52
CA GLU A 164 -0.27 -13.02 10.12
C GLU A 164 0.08 -12.60 8.70
N VAL A 165 -0.91 -12.07 7.97
CA VAL A 165 -0.66 -11.50 6.64
C VAL A 165 -0.35 -10.04 6.98
N LEU A 166 0.81 -9.56 6.54
CA LEU A 166 1.30 -8.23 6.92
C LEU A 166 1.11 -7.16 5.85
N SER A 167 1.17 -7.57 4.59
CA SER A 167 1.04 -6.68 3.44
C SER A 167 0.55 -7.48 2.24
N ALA A 168 0.03 -6.78 1.22
CA ALA A 168 -0.43 -7.29 -0.08
C ALA A 168 -0.56 -6.14 -1.02
N ASP A 169 -0.40 -6.42 -2.34
CA ASP A 169 -0.50 -5.40 -3.38
C ASP A 169 -1.09 -5.97 -4.68
N TYR A 170 -1.99 -5.20 -5.31
CA TYR A 170 -2.53 -5.57 -6.63
C TYR A 170 -1.47 -5.13 -7.60
N ASP A 171 -1.41 -5.78 -8.79
CA ASP A 171 -0.50 -5.33 -9.82
C ASP A 171 -1.17 -4.12 -10.50
N LEU A 172 -0.50 -3.49 -11.47
CA LEU A 172 -1.02 -2.30 -12.13
C LEU A 172 -2.41 -2.45 -12.77
N LEU A 173 -2.66 -3.55 -13.49
CA LEU A 173 -3.96 -3.72 -14.13
C LEU A 173 -5.01 -4.46 -13.27
N GLY A 174 -4.66 -4.80 -12.03
CA GLY A 174 -5.56 -5.49 -11.09
C GLY A 174 -5.96 -6.89 -11.49
N GLU A 175 -5.01 -7.69 -11.99
CA GLU A 175 -5.20 -9.08 -12.41
C GLU A 175 -4.74 -10.09 -11.34
N LYS A 176 -3.89 -9.65 -10.39
CA LYS A 176 -3.30 -10.52 -9.39
C LYS A 176 -2.76 -9.74 -8.20
N ILE A 177 -2.74 -10.41 -7.04
CA ILE A 177 -2.27 -9.91 -5.76
C ILE A 177 -1.07 -10.73 -5.33
N MET A 178 -0.11 -10.07 -4.68
CA MET A 178 1.05 -10.67 -4.05
C MET A 178 0.91 -10.32 -2.56
N SER A 179 0.86 -11.35 -1.70
CA SER A 179 0.73 -11.18 -0.25
C SER A 179 2.03 -11.60 0.49
N CYS A 180 2.21 -11.16 1.75
CA CYS A 180 3.38 -11.48 2.57
C CYS A 180 3.11 -11.38 4.06
N GLY A 181 3.82 -12.18 4.85
CA GLY A 181 3.67 -12.14 6.30
C GLY A 181 4.76 -12.73 7.18
N MET A 182 4.36 -13.01 8.42
CA MET A 182 5.20 -13.50 9.52
C MET A 182 5.74 -14.90 9.30
N ASP A 183 5.14 -15.66 8.35
CA ASP A 183 5.58 -17.02 8.00
C ASP A 183 6.76 -17.00 7.01
N HIS A 184 7.30 -15.79 6.70
CA HIS A 184 8.44 -15.56 5.78
C HIS A 184 8.08 -15.71 4.28
N SER A 185 6.84 -16.15 3.96
CA SER A 185 6.47 -16.37 2.55
C SER A 185 5.75 -15.23 1.86
N LEU A 186 5.91 -15.23 0.53
CA LEU A 186 5.26 -14.36 -0.42
C LEU A 186 4.42 -15.26 -1.32
N LYS A 187 3.09 -15.00 -1.40
CA LYS A 187 2.15 -15.82 -2.19
C LYS A 187 1.44 -15.01 -3.29
N LEU A 188 1.19 -15.66 -4.45
CA LEU A 188 0.51 -15.05 -5.61
C LEU A 188 -0.93 -15.53 -5.66
N TRP A 189 -1.86 -14.61 -5.87
CA TRP A 189 -3.29 -14.93 -5.99
C TRP A 189 -3.79 -14.26 -7.26
N ARG A 190 -4.10 -15.05 -8.28
CA ARG A 190 -4.62 -14.51 -9.54
C ARG A 190 -6.10 -14.24 -9.39
N ILE A 191 -6.51 -13.00 -9.69
CA ILE A 191 -7.93 -12.63 -9.64
C ILE A 191 -8.49 -12.52 -11.10
N ASN A 192 -7.64 -12.78 -12.11
CA ASN A 192 -8.06 -12.75 -13.51
C ASN A 192 -8.41 -14.17 -14.02
N SER A 193 -8.52 -15.14 -13.08
CA SER A 193 -8.90 -16.52 -13.35
C SER A 193 -10.40 -16.53 -13.65
N LYS A 194 -10.88 -17.57 -14.40
CA LYS A 194 -12.30 -17.68 -14.72
C LYS A 194 -13.15 -17.80 -13.47
N ARG A 195 -12.63 -18.52 -12.45
CA ARG A 195 -13.28 -18.68 -11.15
C ARG A 195 -13.53 -17.31 -10.47
N MET A 196 -12.46 -16.50 -10.35
CA MET A 196 -12.52 -15.19 -9.70
C MET A 196 -13.29 -14.16 -10.49
N MET A 197 -13.10 -14.07 -11.82
CA MET A 197 -13.87 -13.10 -12.63
C MET A 197 -15.38 -13.34 -12.47
N ASN A 198 -15.80 -14.63 -12.48
CA ASN A 198 -17.18 -15.01 -12.27
C ASN A 198 -17.64 -14.74 -10.83
N ALA A 199 -16.76 -14.93 -9.83
CA ALA A 199 -17.05 -14.63 -8.41
C ALA A 199 -17.38 -13.15 -8.21
N ILE A 200 -16.60 -12.27 -8.86
CA ILE A 200 -16.73 -10.81 -8.82
C ILE A 200 -18.06 -10.42 -9.52
N LYS A 201 -18.29 -10.94 -10.74
CA LYS A 201 -19.51 -10.69 -11.53
C LYS A 201 -20.77 -11.05 -10.69
N GLU A 202 -20.72 -12.19 -9.96
CA GLU A 202 -21.79 -12.64 -9.08
C GLU A 202 -22.02 -11.74 -7.88
N SER A 203 -20.94 -11.13 -7.31
CA SER A 203 -21.06 -10.21 -6.17
C SER A 203 -21.83 -8.93 -6.58
N TYR A 204 -21.76 -8.55 -7.87
CA TYR A 204 -22.49 -7.42 -8.44
C TYR A 204 -23.97 -7.75 -8.64
N ASP A 205 -24.30 -9.01 -9.05
CA ASP A 205 -25.69 -9.47 -9.20
C ASP A 205 -26.43 -9.48 -7.86
N TYR A 206 -25.73 -9.70 -6.74
CA TYR A 206 -26.32 -9.72 -5.39
C TYR A 206 -26.86 -8.34 -5.00
N PRO A 214 -28.17 -14.93 1.92
CA PRO A 214 -26.75 -14.62 2.10
C PRO A 214 -25.91 -15.02 0.88
N PHE A 215 -24.96 -14.13 0.49
CA PHE A 215 -24.06 -14.37 -0.63
C PHE A 215 -23.06 -15.46 -0.28
N ILE A 216 -22.71 -16.32 -1.25
CA ILE A 216 -21.78 -17.41 -1.00
C ILE A 216 -20.37 -17.03 -1.51
N SER A 217 -19.47 -16.75 -0.55
CA SER A 217 -18.07 -16.36 -0.77
C SER A 217 -17.23 -17.51 -1.32
N GLN A 218 -16.28 -17.19 -2.18
CA GLN A 218 -15.32 -18.17 -2.68
C GLN A 218 -14.29 -18.40 -1.59
N LYS A 219 -13.79 -19.65 -1.44
CA LYS A 219 -12.73 -19.96 -0.48
C LYS A 219 -11.57 -20.45 -1.31
N ILE A 220 -10.56 -19.58 -1.52
CA ILE A 220 -9.37 -19.84 -2.31
C ILE A 220 -8.25 -20.42 -1.39
N HIS A 221 -8.22 -21.76 -1.26
CA HIS A 221 -7.24 -22.47 -0.41
C HIS A 221 -5.83 -22.54 -1.02
N PHE A 222 -5.72 -22.42 -2.34
CA PHE A 222 -4.44 -22.61 -3.03
C PHE A 222 -3.96 -21.37 -3.80
N PRO A 223 -2.74 -20.86 -3.51
CA PRO A 223 -2.23 -19.72 -4.26
C PRO A 223 -1.67 -20.18 -5.62
N ASP A 224 -1.25 -19.23 -6.45
CA ASP A 224 -0.75 -19.47 -7.79
C ASP A 224 0.75 -19.53 -7.87
N PHE A 225 1.42 -19.20 -6.77
CA PHE A 225 2.86 -19.24 -6.54
C PHE A 225 3.09 -19.02 -5.06
N SER A 226 4.15 -19.63 -4.53
CA SER A 226 4.58 -19.49 -3.15
C SER A 226 6.08 -19.70 -3.05
N THR A 227 6.76 -18.78 -2.35
CA THR A 227 8.18 -18.82 -2.09
C THR A 227 8.49 -18.36 -0.67
N ARG A 228 9.53 -18.95 -0.07
CA ARG A 228 10.09 -18.63 1.24
C ARG A 228 11.61 -18.45 1.06
N ASP A 229 12.06 -18.26 -0.20
CA ASP A 229 13.48 -18.11 -0.57
C ASP A 229 13.97 -16.65 -0.75
N ILE A 230 13.25 -15.67 -0.17
CA ILE A 230 13.66 -14.27 -0.35
C ILE A 230 14.17 -13.66 0.94
N HIS A 231 13.45 -13.86 2.03
CA HIS A 231 13.77 -13.28 3.33
C HIS A 231 13.84 -14.37 4.37
N ARG A 232 14.52 -14.11 5.49
CA ARG A 232 14.73 -15.08 6.58
C ARG A 232 14.02 -14.69 7.86
N ASN A 233 13.16 -13.67 7.74
CA ASN A 233 12.31 -13.13 8.82
C ASN A 233 10.99 -12.60 8.24
N TYR A 234 10.13 -12.01 9.10
CA TYR A 234 8.83 -11.42 8.76
C TYR A 234 8.91 -10.53 7.52
N VAL A 235 8.01 -10.73 6.55
CA VAL A 235 7.97 -9.86 5.37
C VAL A 235 6.83 -8.84 5.69
N ASP A 236 7.22 -7.59 5.99
CA ASP A 236 6.25 -6.58 6.44
C ASP A 236 5.73 -5.68 5.32
N CYS A 237 6.36 -5.70 4.16
CA CYS A 237 5.91 -4.86 3.05
C CYS A 237 6.17 -5.51 1.68
N VAL A 238 5.15 -5.46 0.78
CA VAL A 238 5.23 -6.02 -0.58
C VAL A 238 4.53 -5.09 -1.58
N ARG A 239 5.17 -4.87 -2.74
CA ARG A 239 4.66 -4.04 -3.84
C ARG A 239 5.18 -4.56 -5.16
N TRP A 240 4.29 -4.55 -6.20
CA TRP A 240 4.64 -4.93 -7.57
C TRP A 240 5.50 -3.83 -8.19
N LEU A 241 6.44 -4.21 -9.04
CA LEU A 241 7.24 -3.30 -9.85
C LEU A 241 7.13 -3.84 -11.29
N GLY A 242 6.01 -3.54 -11.93
CA GLY A 242 5.66 -4.08 -13.25
C GLY A 242 5.36 -5.56 -13.07
N ASP A 243 6.21 -6.44 -13.66
CA ASP A 243 6.08 -7.90 -13.50
C ASP A 243 6.97 -8.42 -12.36
N LEU A 244 7.93 -7.59 -11.92
CA LEU A 244 8.85 -7.89 -10.82
C LEU A 244 8.19 -7.51 -9.50
N ILE A 245 8.77 -7.93 -8.37
CA ILE A 245 8.26 -7.66 -7.03
C ILE A 245 9.35 -6.97 -6.20
N LEU A 246 8.93 -6.05 -5.30
CA LEU A 246 9.78 -5.45 -4.28
C LEU A 246 9.21 -5.90 -2.94
N SER A 247 10.07 -6.42 -2.05
CA SER A 247 9.66 -6.81 -0.71
C SER A 247 10.80 -6.63 0.32
N LYS A 248 10.44 -6.49 1.60
CA LYS A 248 11.43 -6.28 2.67
C LYS A 248 11.06 -7.02 3.95
N SER A 249 12.05 -7.09 4.86
CA SER A 249 12.03 -7.75 6.15
C SER A 249 12.92 -6.96 7.15
N CYS A 250 13.32 -7.58 8.31
CA CYS A 250 14.22 -7.27 9.48
C CYS A 250 15.68 -6.86 8.97
N GLU A 251 16.08 -7.33 7.77
CA GLU A 251 17.43 -7.39 7.17
C GLU A 251 18.07 -6.15 6.43
N ASN A 252 17.53 -4.93 6.54
CA ASN A 252 18.10 -3.70 5.92
C ASN A 252 18.27 -3.76 4.39
N ALA A 253 17.30 -4.36 3.70
CA ALA A 253 17.26 -4.38 2.24
C ALA A 253 15.87 -4.60 1.71
N ILE A 254 15.56 -3.92 0.62
CA ILE A 254 14.35 -4.14 -0.18
C ILE A 254 14.87 -4.99 -1.34
N VAL A 255 14.36 -6.23 -1.46
CA VAL A 255 14.78 -7.16 -2.48
C VAL A 255 13.84 -7.10 -3.73
N CYS A 256 14.43 -6.86 -4.93
CA CYS A 256 13.74 -6.93 -6.21
C CYS A 256 13.90 -8.36 -6.71
N TRP A 257 12.78 -9.04 -6.93
CA TRP A 257 12.74 -10.42 -7.37
C TRP A 257 11.57 -10.71 -8.30
N LYS A 258 11.51 -11.97 -8.79
CA LYS A 258 10.47 -12.48 -9.68
C LYS A 258 10.35 -13.99 -9.51
N PRO A 259 9.11 -14.51 -9.57
CA PRO A 259 8.93 -15.98 -9.55
C PRO A 259 9.57 -16.60 -10.81
N GLY A 260 10.06 -17.83 -10.67
CA GLY A 260 10.70 -18.59 -11.73
C GLY A 260 12.08 -18.11 -12.13
N LYS A 261 12.49 -18.47 -13.35
CA LYS A 261 13.81 -18.14 -13.91
C LYS A 261 13.80 -16.76 -14.57
N MET A 262 14.98 -16.17 -14.73
CA MET A 262 15.24 -14.85 -15.32
C MET A 262 14.36 -14.53 -16.51
N GLU A 263 14.18 -15.52 -17.43
CA GLU A 263 13.42 -15.36 -18.68
C GLU A 263 11.94 -15.76 -18.56
N ASP A 264 11.54 -16.42 -17.45
CA ASP A 264 10.16 -16.88 -17.23
C ASP A 264 9.14 -15.75 -17.15
N ASP A 265 7.97 -15.96 -17.76
CA ASP A 265 6.87 -15.01 -17.81
C ASP A 265 5.96 -15.18 -16.61
N ILE A 266 5.58 -14.05 -15.96
CA ILE A 266 4.72 -14.02 -14.77
C ILE A 266 3.39 -14.75 -15.02
N ASP A 267 2.88 -14.70 -16.25
CA ASP A 267 1.62 -15.33 -16.61
C ASP A 267 1.78 -16.79 -17.05
N LYS A 268 3.04 -17.25 -17.22
CA LYS A 268 3.41 -18.62 -17.63
C LYS A 268 3.90 -19.47 -16.44
N ILE A 269 4.02 -18.86 -15.23
CA ILE A 269 4.44 -19.52 -13.98
C ILE A 269 3.39 -20.54 -13.56
N LYS A 270 3.80 -21.77 -13.26
CA LYS A 270 2.88 -22.80 -12.80
C LYS A 270 2.81 -22.74 -11.25
N PRO A 271 1.65 -23.06 -10.62
CA PRO A 271 1.55 -22.97 -9.14
C PRO A 271 2.64 -23.69 -8.34
N SER A 272 3.25 -24.73 -8.92
CA SER A 272 4.32 -25.54 -8.29
C SER A 272 5.73 -25.03 -8.56
N GLU A 273 5.89 -23.91 -9.31
CA GLU A 273 7.22 -23.32 -9.61
C GLU A 273 8.08 -23.19 -8.33
N SER A 274 9.34 -23.68 -8.36
CA SER A 274 10.27 -23.73 -7.23
C SER A 274 11.40 -22.69 -7.29
N ASN A 275 11.59 -22.07 -8.45
CA ASN A 275 12.64 -21.08 -8.66
C ASN A 275 12.18 -19.64 -8.40
N VAL A 276 13.15 -18.83 -7.99
CA VAL A 276 13.04 -17.40 -7.77
C VAL A 276 14.30 -16.78 -8.36
N THR A 277 14.21 -15.55 -8.84
CA THR A 277 15.35 -14.83 -9.40
C THR A 277 15.45 -13.51 -8.66
N ILE A 278 16.60 -13.27 -7.98
CA ILE A 278 16.86 -12.04 -7.27
C ILE A 278 17.54 -11.11 -8.26
N LEU A 279 16.82 -10.09 -8.71
CA LEU A 279 17.35 -9.14 -9.68
C LEU A 279 18.27 -8.10 -9.03
N GLY A 280 17.96 -7.74 -7.79
CA GLY A 280 18.74 -6.75 -7.07
C GLY A 280 18.29 -6.52 -5.65
N ARG A 281 19.00 -5.61 -4.97
CA ARG A 281 18.79 -5.20 -3.58
C ARG A 281 19.02 -3.71 -3.39
N PHE A 282 18.09 -3.01 -2.71
CA PHE A 282 18.26 -1.59 -2.39
C PHE A 282 18.68 -1.59 -0.92
N ASP A 283 19.97 -1.30 -0.67
CA ASP A 283 20.53 -1.33 0.68
C ASP A 283 20.42 -0.01 1.42
N TYR A 284 20.27 -0.10 2.73
CA TYR A 284 20.12 1.02 3.65
C TYR A 284 20.57 0.52 5.00
N SER A 285 20.47 1.36 6.03
CA SER A 285 20.87 0.96 7.39
C SER A 285 19.87 1.42 8.45
N GLN A 286 20.00 0.88 9.69
CA GLN A 286 19.19 1.23 10.86
C GLN A 286 17.68 1.15 10.63
N CYS A 287 17.22 0.06 10.00
CA CYS A 287 15.80 -0.29 9.81
C CYS A 287 15.70 -1.81 10.04
N ASP A 288 16.15 -2.23 11.24
CA ASP A 288 16.23 -3.62 11.75
C ASP A 288 15.05 -3.97 12.66
N ILE A 289 14.10 -3.05 12.79
CA ILE A 289 12.87 -3.24 13.57
C ILE A 289 11.73 -3.68 12.61
N TRP A 290 10.81 -4.53 13.11
CA TRP A 290 9.68 -4.97 12.29
C TRP A 290 8.68 -3.81 12.12
N TYR A 291 7.84 -3.89 11.04
CA TYR A 291 6.68 -3.01 10.73
C TYR A 291 7.04 -1.61 10.21
N MET A 292 7.77 -1.60 9.11
CA MET A 292 8.23 -0.37 8.43
C MET A 292 7.91 -0.53 6.94
N ARG A 293 7.01 0.32 6.44
CA ARG A 293 6.57 0.26 5.05
C ARG A 293 7.47 1.07 4.13
N PHE A 294 7.59 0.62 2.87
CA PHE A 294 8.22 1.43 1.82
C PHE A 294 7.08 1.85 0.88
N SER A 295 7.29 2.88 0.06
CA SER A 295 6.29 3.38 -0.86
C SER A 295 6.94 3.83 -2.16
N MET A 296 6.12 3.95 -3.18
CA MET A 296 6.53 4.45 -4.47
C MET A 296 5.56 5.55 -4.84
N ASP A 297 5.95 6.35 -5.83
CA ASP A 297 5.09 7.40 -6.37
C ASP A 297 4.21 6.72 -7.45
N PHE A 298 3.23 7.48 -7.98
CA PHE A 298 2.32 6.98 -8.98
C PHE A 298 3.04 6.38 -10.22
N TRP A 299 3.96 7.12 -10.84
CA TRP A 299 4.64 6.65 -12.06
C TRP A 299 5.74 5.58 -11.79
N GLN A 300 6.01 5.29 -10.51
CA GLN A 300 6.97 4.28 -10.06
C GLN A 300 8.36 4.64 -10.54
N LYS A 301 8.70 5.91 -10.37
CA LYS A 301 10.00 6.51 -10.69
C LYS A 301 10.81 6.72 -9.39
N MET A 302 10.11 6.74 -8.25
CA MET A 302 10.73 6.92 -6.94
C MET A 302 10.30 5.83 -5.97
N LEU A 303 11.19 5.51 -5.02
CA LEU A 303 11.02 4.52 -3.96
C LEU A 303 11.49 5.19 -2.67
N ALA A 304 10.68 5.12 -1.60
CA ALA A 304 10.99 5.76 -0.34
C ALA A 304 10.74 4.84 0.83
N LEU A 305 11.61 4.96 1.85
CA LEU A 305 11.51 4.22 3.09
C LEU A 305 12.17 5.00 4.22
N GLY A 306 11.46 5.12 5.34
CA GLY A 306 12.00 5.75 6.53
C GLY A 306 12.65 4.71 7.41
N ASN A 307 13.66 5.08 8.21
CA ASN A 307 14.34 4.11 9.09
C ASN A 307 13.94 4.35 10.57
N GLN A 308 14.53 3.61 11.55
CA GLN A 308 14.11 3.77 12.96
C GLN A 308 14.71 5.01 13.65
N VAL A 309 15.68 5.67 13.03
CA VAL A 309 16.25 6.87 13.65
C VAL A 309 15.76 8.14 12.92
N GLY A 310 14.67 8.04 12.15
CA GLY A 310 14.06 9.21 11.50
C GLY A 310 14.69 9.71 10.22
N LYS A 311 15.52 8.88 9.53
CA LYS A 311 16.11 9.21 8.22
C LYS A 311 15.17 8.67 7.09
N LEU A 312 15.09 9.39 5.99
CA LEU A 312 14.20 8.99 4.90
C LEU A 312 15.01 8.71 3.66
N TYR A 313 14.97 7.48 3.20
CA TYR A 313 15.72 7.10 2.01
C TYR A 313 14.87 7.20 0.79
N VAL A 314 15.42 7.76 -0.29
CA VAL A 314 14.76 7.86 -1.58
C VAL A 314 15.70 7.30 -2.65
N TRP A 315 15.14 6.51 -3.60
CA TRP A 315 15.87 5.96 -4.73
C TRP A 315 15.18 6.32 -6.03
N ASP A 316 15.99 6.44 -7.10
CA ASP A 316 15.54 6.70 -8.46
C ASP A 316 15.38 5.33 -9.10
N LEU A 317 14.13 4.95 -9.42
CA LEU A 317 13.84 3.63 -10.01
C LEU A 317 14.17 3.55 -11.51
N GLU A 318 14.45 4.71 -12.14
CA GLU A 318 14.86 4.78 -13.54
C GLU A 318 16.37 4.51 -13.72
N VAL A 319 17.17 4.41 -12.62
CA VAL A 319 18.59 4.01 -12.73
C VAL A 319 18.66 2.50 -12.40
N GLU A 320 19.19 1.71 -13.34
CA GLU A 320 19.26 0.25 -13.33
C GLU A 320 19.95 -0.38 -12.09
N ASP A 321 21.18 0.05 -11.74
CA ASP A 321 21.93 -0.52 -10.62
C ASP A 321 21.47 0.03 -9.24
N PRO A 322 20.98 -0.83 -8.31
CA PRO A 322 20.53 -0.32 -7.00
C PRO A 322 21.68 -0.04 -6.02
N HIS A 323 22.57 0.88 -6.42
CA HIS A 323 23.73 1.42 -5.70
C HIS A 323 23.89 2.86 -6.20
N LYS A 324 23.75 3.06 -7.52
CA LYS A 324 23.78 4.36 -8.18
C LYS A 324 22.40 5.03 -8.14
N ALA A 325 21.34 4.23 -7.83
CA ALA A 325 19.93 4.64 -7.73
C ALA A 325 19.66 5.58 -6.55
N LYS A 326 20.50 5.49 -5.51
CA LYS A 326 20.44 6.25 -4.26
C LYS A 326 20.37 7.77 -4.47
N CYS A 327 19.38 8.42 -3.81
CA CYS A 327 19.25 9.87 -3.78
C CYS A 327 19.88 10.27 -2.46
N THR A 328 20.05 11.56 -2.20
CA THR A 328 20.55 12.01 -0.91
C THR A 328 19.43 11.76 0.12
N THR A 329 19.79 11.13 1.24
CA THR A 329 18.94 10.79 2.37
C THR A 329 18.34 12.06 2.98
N LEU A 330 17.02 12.06 3.20
CA LEU A 330 16.34 13.21 3.76
C LEU A 330 16.43 13.12 5.27
N THR A 331 17.08 14.10 5.91
CA THR A 331 17.25 14.09 7.37
C THR A 331 16.99 15.50 7.95
N HIS A 332 16.52 15.55 9.19
CA HIS A 332 16.27 16.78 9.93
C HIS A 332 16.58 16.42 11.40
N HIS A 333 17.38 17.27 12.10
CA HIS A 333 17.82 17.02 13.49
C HIS A 333 16.69 16.87 14.52
N LYS A 334 15.48 17.39 14.22
CA LYS A 334 14.33 17.26 15.13
C LYS A 334 13.53 15.94 14.84
N CYS A 335 13.78 15.31 13.66
CA CYS A 335 13.13 14.07 13.25
C CYS A 335 14.05 12.90 13.57
N GLY A 336 13.85 12.31 14.74
CA GLY A 336 14.64 11.18 15.22
C GLY A 336 13.86 9.90 15.53
N ALA A 337 12.51 9.95 15.44
CA ALA A 337 11.64 8.80 15.73
C ALA A 337 11.43 7.92 14.48
N ALA A 338 11.02 6.66 14.67
CA ALA A 338 10.82 5.73 13.53
C ALA A 338 9.76 6.23 12.55
N ILE A 339 10.11 6.23 11.24
CA ILE A 339 9.19 6.61 10.17
C ILE A 339 8.46 5.32 9.74
N ARG A 340 7.20 5.16 10.18
CA ARG A 340 6.42 3.93 9.91
C ARG A 340 5.96 3.80 8.44
N GLN A 341 5.60 4.94 7.83
CA GLN A 341 5.15 5.01 6.42
C GLN A 341 5.33 6.39 5.86
N THR A 342 5.49 6.47 4.54
CA THR A 342 5.60 7.69 3.74
C THR A 342 4.57 7.64 2.63
N SER A 343 4.22 8.81 2.07
CA SER A 343 3.28 8.89 0.96
C SER A 343 3.69 10.02 0.01
N PHE A 344 3.72 9.75 -1.27
CA PHE A 344 3.97 10.81 -2.25
C PHE A 344 2.59 11.34 -2.69
N SER A 345 2.52 12.66 -2.97
CA SER A 345 1.32 13.27 -3.55
C SER A 345 1.29 12.70 -4.98
N ARG A 346 0.14 12.64 -5.63
CA ARG A 346 0.01 12.05 -6.96
C ARG A 346 1.05 12.55 -7.99
N ASP A 347 1.40 13.84 -7.93
CA ASP A 347 2.32 14.47 -8.88
C ASP A 347 3.80 14.44 -8.43
N SER A 348 4.10 13.68 -7.37
CA SER A 348 5.44 13.49 -6.81
C SER A 348 6.11 14.77 -6.29
N SER A 349 5.36 15.88 -6.15
CA SER A 349 5.90 17.17 -5.65
C SER A 349 6.03 17.22 -4.12
N ILE A 350 5.24 16.41 -3.39
CA ILE A 350 5.25 16.37 -1.91
C ILE A 350 5.49 14.96 -1.37
N LEU A 351 6.31 14.84 -0.31
CA LEU A 351 6.56 13.58 0.37
C LEU A 351 6.25 13.78 1.86
N ILE A 352 5.29 13.01 2.38
CA ILE A 352 4.91 13.05 3.81
C ILE A 352 5.45 11.82 4.50
N ALA A 353 6.05 12.00 5.70
CA ALA A 353 6.56 10.94 6.55
C ALA A 353 5.86 11.01 7.91
N VAL A 354 5.34 9.88 8.42
CA VAL A 354 4.65 9.84 9.74
C VAL A 354 5.46 8.96 10.70
N CYS A 355 5.51 9.35 11.98
CA CYS A 355 6.39 8.76 12.98
C CYS A 355 5.74 8.13 14.19
N ASP A 356 6.59 7.37 14.94
CA ASP A 356 6.30 6.72 16.21
C ASP A 356 5.95 7.69 17.36
N ASP A 357 6.32 8.98 17.25
CA ASP A 357 6.01 10.01 18.26
C ASP A 357 4.86 10.94 17.83
N ALA A 358 4.00 10.46 16.87
CA ALA A 358 2.84 11.13 16.27
C ALA A 358 3.20 12.36 15.44
N SER A 359 4.48 12.47 15.04
CA SER A 359 4.95 13.60 14.24
C SER A 359 4.74 13.34 12.77
N ILE A 360 4.53 14.42 11.99
CA ILE A 360 4.30 14.42 10.52
C ILE A 360 5.33 15.36 9.91
N TRP A 361 5.97 14.96 8.80
CA TRP A 361 7.05 15.71 8.15
C TRP A 361 6.77 15.87 6.66
N ARG A 362 6.75 17.13 6.17
CA ARG A 362 6.51 17.48 4.78
C ARG A 362 7.82 17.86 4.08
N TRP A 363 8.14 17.18 2.97
CA TRP A 363 9.31 17.40 2.12
C TRP A 363 8.81 17.75 0.71
N ASP A 364 9.14 18.95 0.20
CA ASP A 364 8.72 19.39 -1.13
C ASP A 364 9.85 19.17 -2.14
N ARG A 365 9.53 18.67 -3.34
CA ARG A 365 10.55 18.43 -4.37
C ARG A 365 11.18 19.76 -4.87
N LEU A 366 12.49 19.72 -5.25
CA LEU A 366 13.30 20.84 -5.76
C LEU A 366 13.74 20.57 -7.20
N SER B 1 16.63 -6.38 -22.69
CA SER B 1 17.01 -5.96 -21.33
C SER B 1 15.82 -6.13 -20.39
N MET B 2 16.06 -6.77 -19.24
CA MET B 2 15.09 -7.02 -18.18
C MET B 2 14.52 -5.67 -17.67
N PHE B 3 15.41 -4.66 -17.49
CA PHE B 3 15.09 -3.32 -17.01
C PHE B 3 14.26 -2.52 -18.01
N SER B 4 14.73 -2.42 -19.27
CA SER B 4 14.07 -1.64 -20.31
C SER B 4 12.68 -2.15 -20.63
N SER B 5 12.49 -3.48 -20.66
CA SER B 5 11.19 -4.11 -20.93
C SER B 5 10.23 -3.89 -19.78
N ASN B 6 10.70 -4.13 -18.52
CA ASN B 6 9.89 -3.90 -17.32
C ASN B 6 9.47 -2.43 -17.21
N ARG B 7 10.40 -1.48 -17.53
CA ARG B 7 10.09 -0.04 -17.50
C ARG B 7 8.99 0.35 -18.47
N GLN B 8 8.95 -0.31 -19.66
CA GLN B 8 7.94 -0.08 -20.69
C GLN B 8 6.55 -0.59 -20.25
N LYS B 9 6.50 -1.75 -19.57
CA LYS B 9 5.25 -2.32 -19.05
C LYS B 9 4.66 -1.36 -17.99
N ILE B 10 5.52 -0.81 -17.08
CA ILE B 10 5.14 0.18 -16.05
C ILE B 10 4.60 1.43 -16.77
N LEU B 11 5.34 1.94 -17.78
CA LEU B 11 4.96 3.11 -18.58
C LEU B 11 3.56 2.96 -19.20
N GLU B 12 3.33 1.88 -19.94
CA GLU B 12 2.04 1.62 -20.62
C GLU B 12 0.88 1.44 -19.62
N ARG B 13 1.11 0.62 -18.57
CA ARG B 13 0.10 0.28 -17.57
C ARG B 13 -0.25 1.44 -16.66
N THR B 14 0.74 2.32 -16.28
CA THR B 14 0.42 3.50 -15.49
C THR B 14 -0.25 4.53 -16.42
N GLU B 15 0.05 4.49 -17.74
CA GLU B 15 -0.62 5.38 -18.70
C GLU B 15 -2.09 5.07 -18.80
N ILE B 16 -2.43 3.78 -18.86
CA ILE B 16 -3.83 3.30 -18.89
C ILE B 16 -4.57 3.79 -17.65
N LEU B 17 -3.94 3.69 -16.47
CA LEU B 17 -4.50 4.15 -15.20
C LEU B 17 -4.67 5.66 -15.20
N ASN B 18 -3.68 6.38 -15.74
CA ASN B 18 -3.69 7.83 -15.79
C ASN B 18 -4.80 8.34 -16.68
N GLN B 19 -5.04 7.66 -17.82
CA GLN B 19 -6.12 8.00 -18.75
C GLN B 19 -7.46 7.87 -18.06
N GLU B 20 -7.68 6.77 -17.33
CA GLU B 20 -8.92 6.50 -16.57
C GLU B 20 -9.16 7.59 -15.52
N TRP B 21 -8.08 8.05 -14.86
CA TRP B 21 -8.09 9.14 -13.88
C TRP B 21 -8.47 10.46 -14.56
N LYS B 22 -7.87 10.76 -15.75
CA LYS B 22 -8.16 11.97 -16.54
C LYS B 22 -9.66 12.03 -16.93
N GLN B 23 -10.19 10.93 -17.53
CA GLN B 23 -11.57 10.77 -18.02
C GLN B 23 -12.67 10.85 -16.95
N ARG B 24 -12.37 10.47 -15.70
CA ARG B 24 -13.29 10.35 -14.58
C ARG B 24 -14.26 11.53 -14.37
N ARG B 25 -15.57 11.22 -14.44
CA ARG B 25 -16.72 12.10 -14.24
C ARG B 25 -16.77 12.52 -12.77
N ILE B 26 -17.10 13.79 -12.49
CA ILE B 26 -17.22 14.32 -11.12
C ILE B 26 -18.52 15.14 -10.93
N GLN B 27 -19.06 15.16 -9.67
CA GLN B 27 -20.25 15.89 -9.19
C GLN B 27 -21.46 15.78 -10.10
#